data_4ZY4
#
_entry.id   4ZY4
#
_cell.length_a   62.886
_cell.length_b   81.266
_cell.length_c   65.598
_cell.angle_alpha   90.00
_cell.angle_beta   105.99
_cell.angle_gamma   90.00
#
_symmetry.space_group_name_H-M   'P 1 21 1'
#
loop_
_entity.id
_entity.type
_entity.pdbx_description
1 polymer 'Serine/threonine-protein kinase PAK 1'
2 non-polymer 2-(4-aminopiperidin-1-yl)-N-(5-cyclopropyl-1H-pyrazol-3-yl)thieno[3,2-d]pyrimidin-4-amine
3 non-polymer 'SULFATE ION'
4 non-polymer 'DIMETHYL SULFOXIDE'
5 water water
#
_entity_poly.entity_id   1
_entity_poly.type   'polypeptide(L)'
_entity_poly.pdbx_seq_one_letter_code
;GSDEEILEKLRSIVSVGDPKKKYTRFEKIGQGASGTVYTAMDVATGQEVAIKQMNLQQQPKKELIINEILVMRENKNPNI
VNYLDSYLVGDELWVVMEYLAGGSLTDVVTETCMDEGQIAAVCRECLQALEFLHSNQVIHRNIKSDNILLGMDGSVKLTD
FGFCAQITPEQSKRSTMVGTPYWMAPEVVTRKAYGPKVDIWSLGIMAIEMIEGEPPYLNENPLRALYLIATNGTPELQNP
EKLSAIFRDFLNRCLEMDVEKRGSAKELLQHQFLKIAKPLSSLTPLIAAAKEATKNNHGNS
;
_entity_poly.pdbx_strand_id   A,B
#
loop_
_chem_comp.id
_chem_comp.type
_chem_comp.name
_chem_comp.formula
4T3 non-polymer 2-(4-aminopiperidin-1-yl)-N-(5-cyclopropyl-1H-pyrazol-3-yl)thieno[3,2-d]pyrimidin-4-amine 'C17 H21 N7 S'
DMS non-polymer 'DIMETHYL SULFOXIDE' 'C2 H6 O S'
SO4 non-polymer 'SULFATE ION' 'O4 S -2'
#
# COMPACT_ATOMS: atom_id res chain seq x y z
N SER A 2 -25.58 3.02 2.57
CA SER A 2 -24.72 4.06 2.03
C SER A 2 -23.46 3.47 1.40
N ASP A 3 -23.03 2.32 1.92
CA ASP A 3 -21.79 1.69 1.49
C ASP A 3 -21.81 0.19 1.85
N GLU A 4 -21.13 -0.64 1.05
CA GLU A 4 -20.38 -0.19 -0.12
C GLU A 4 -21.21 -0.30 -1.39
N GLU A 5 -22.11 0.67 -1.58
CA GLU A 5 -22.83 0.80 -2.84
C GLU A 5 -21.93 1.53 -3.84
N ILE A 6 -20.73 1.87 -3.38
CA ILE A 6 -19.70 2.42 -4.24
C ILE A 6 -19.10 1.28 -5.08
N LEU A 7 -19.24 0.06 -4.57
CA LEU A 7 -18.75 -1.14 -5.26
C LEU A 7 -19.67 -1.48 -6.43
N GLU A 8 -20.97 -1.24 -6.25
CA GLU A 8 -21.94 -1.43 -7.33
C GLU A 8 -21.83 -0.32 -8.37
N LYS A 9 -21.22 0.80 -7.97
CA LYS A 9 -21.00 1.92 -8.87
C LYS A 9 -19.98 1.57 -9.95
N LEU A 10 -18.88 0.93 -9.56
CA LEU A 10 -17.85 0.57 -10.53
C LEU A 10 -18.24 -0.68 -11.31
N ARG A 11 -19.28 -1.36 -10.86
CA ARG A 11 -19.81 -2.49 -11.61
C ARG A 11 -20.58 -2.00 -12.82
N SER A 12 -21.09 -0.78 -12.73
CA SER A 12 -21.78 -0.16 -13.84
C SER A 12 -20.79 0.15 -14.96
N ILE A 13 -19.60 0.58 -14.57
CA ILE A 13 -18.58 1.03 -15.50
C ILE A 13 -18.07 -0.08 -16.42
N VAL A 14 -17.65 -1.18 -15.82
CA VAL A 14 -17.01 -2.28 -16.54
C VAL A 14 -17.83 -2.76 -17.73
N SER A 15 -17.14 -3.20 -18.79
CA SER A 15 -17.79 -3.56 -20.03
C SER A 15 -18.40 -4.95 -19.98
N VAL A 16 -19.27 -5.24 -20.95
CA VAL A 16 -19.99 -6.50 -21.02
C VAL A 16 -19.23 -7.54 -21.86
N GLY A 17 -18.97 -8.69 -21.25
CA GLY A 17 -18.33 -9.78 -21.98
C GLY A 17 -17.31 -10.55 -21.18
N ASP A 18 -16.67 -11.51 -21.84
CA ASP A 18 -15.60 -12.32 -21.26
C ASP A 18 -14.25 -11.81 -21.74
N PRO A 19 -13.34 -11.50 -20.79
CA PRO A 19 -12.02 -10.97 -21.12
C PRO A 19 -11.17 -11.98 -21.90
N LYS A 20 -11.25 -13.23 -21.48
CA LYS A 20 -10.48 -14.31 -22.08
C LYS A 20 -10.76 -14.47 -23.57
N LYS A 21 -11.94 -14.02 -24.00
CA LYS A 21 -12.39 -14.22 -25.37
C LYS A 21 -11.86 -13.17 -26.36
N LYS A 22 -11.23 -12.11 -25.85
CA LYS A 22 -10.75 -11.05 -26.74
C LYS A 22 -9.24 -10.88 -26.72
N TYR A 23 -8.60 -11.20 -25.60
CA TYR A 23 -7.17 -10.99 -25.47
C TYR A 23 -6.41 -12.26 -25.10
N THR A 24 -5.76 -12.87 -26.08
CA THR A 24 -4.90 -14.03 -25.85
C THR A 24 -3.48 -13.56 -25.60
N ARG A 25 -2.51 -14.46 -25.78
CA ARG A 25 -1.09 -14.16 -25.58
C ARG A 25 -0.83 -13.53 -24.21
N PHE A 26 -1.61 -13.94 -23.22
CA PHE A 26 -1.53 -13.36 -21.89
C PHE A 26 -0.22 -13.70 -21.17
N GLU A 27 0.57 -12.67 -20.87
CA GLU A 27 1.85 -12.81 -20.20
C GLU A 27 2.10 -11.67 -19.21
N LYS A 28 2.68 -11.98 -18.05
CA LYS A 28 2.94 -10.96 -17.02
C LYS A 28 4.23 -10.20 -17.30
N ILE A 29 4.26 -8.91 -16.97
CA ILE A 29 5.48 -8.09 -17.04
C ILE A 29 5.48 -7.01 -15.93
N GLY A 30 5.45 -7.46 -14.68
CA GLY A 30 5.55 -6.54 -13.56
C GLY A 30 4.53 -6.71 -12.44
N GLN A 31 4.79 -5.98 -11.35
CA GLN A 31 3.93 -5.96 -10.16
C GLN A 31 4.44 -4.86 -9.22
N GLY A 32 3.51 -4.09 -8.67
CA GLY A 32 3.88 -2.97 -7.81
C GLY A 32 2.80 -2.59 -6.81
N ALA A 33 2.83 -3.23 -5.64
CA ALA A 33 1.84 -2.97 -4.59
C ALA A 33 0.41 -3.11 -5.10
N SER A 34 -0.11 -2.05 -5.69
CA SER A 34 -1.46 -2.07 -6.26
C SER A 34 -1.40 -1.68 -7.73
N GLY A 35 -1.53 -2.67 -8.61
CA GLY A 35 -1.64 -4.07 -8.21
C GLY A 35 -0.60 -4.93 -8.89
N THR A 36 -0.80 -5.19 -10.19
CA THR A 36 0.16 -5.91 -11.00
C THR A 36 -0.19 -5.75 -12.49
N VAL A 37 0.81 -5.87 -13.35
CA VAL A 37 0.64 -5.62 -14.79
C VAL A 37 0.97 -6.84 -15.64
N TYR A 38 0.16 -7.09 -16.67
CA TYR A 38 0.37 -8.21 -17.58
C TYR A 38 0.52 -7.72 -19.02
N THR A 39 0.40 -8.65 -19.98
CA THR A 39 0.48 -8.30 -21.39
C THR A 39 -0.48 -9.20 -22.18
N ALA A 40 -0.88 -8.74 -23.37
CA ALA A 40 -1.75 -9.52 -24.23
C ALA A 40 -1.84 -8.89 -25.62
N MET A 41 -2.46 -9.63 -26.54
CA MET A 41 -2.68 -9.13 -27.89
C MET A 41 -4.16 -9.13 -28.21
N ASP A 42 -4.60 -8.15 -29.00
CA ASP A 42 -5.99 -8.11 -29.45
C ASP A 42 -6.18 -9.11 -30.60
N VAL A 43 -7.01 -10.12 -30.36
CA VAL A 43 -7.32 -11.12 -31.38
C VAL A 43 -7.94 -10.45 -32.59
N ALA A 44 -8.67 -9.36 -32.35
CA ALA A 44 -9.36 -8.64 -33.40
C ALA A 44 -8.41 -7.82 -34.28
N THR A 45 -7.67 -6.90 -33.67
CA THR A 45 -6.91 -5.89 -34.41
C THR A 45 -5.42 -6.18 -34.47
N GLY A 46 -4.97 -7.20 -33.74
CA GLY A 46 -3.56 -7.52 -33.69
C GLY A 46 -2.79 -6.44 -32.96
N GLN A 47 -3.38 -5.92 -31.89
CA GLN A 47 -2.74 -4.90 -31.08
C GLN A 47 -2.32 -5.44 -29.73
N GLU A 48 -1.09 -5.10 -29.34
CA GLU A 48 -0.56 -5.52 -28.04
C GLU A 48 -1.09 -4.59 -26.95
N VAL A 49 -1.54 -5.17 -25.84
CA VAL A 49 -2.11 -4.36 -24.77
C VAL A 49 -1.56 -4.75 -23.41
N ALA A 50 -1.69 -3.84 -22.45
CA ALA A 50 -1.26 -4.05 -21.08
C ALA A 50 -2.47 -4.15 -20.16
N ILE A 51 -2.47 -5.14 -19.29
CA ILE A 51 -3.59 -5.36 -18.37
C ILE A 51 -3.16 -5.25 -16.92
N LYS A 52 -3.76 -4.31 -16.20
CA LYS A 52 -3.52 -4.18 -14.78
C LYS A 52 -4.54 -5.02 -14.03
N GLN A 53 -4.12 -5.60 -12.91
CA GLN A 53 -5.05 -6.35 -12.05
C GLN A 53 -5.26 -5.64 -10.72
N GLN A 59 -10.42 -2.64 -1.81
CA GLN A 59 -9.34 -3.53 -2.22
C GLN A 59 -7.95 -2.88 -2.40
N PRO A 60 -7.60 -1.82 -1.62
CA PRO A 60 -8.27 -1.00 -0.60
C PRO A 60 -8.76 0.35 -1.15
N LYS A 61 -9.85 0.88 -0.58
CA LYS A 61 -10.47 2.13 -1.02
C LYS A 61 -10.60 2.18 -2.53
N LYS A 62 -11.54 1.42 -3.06
CA LYS A 62 -11.69 1.26 -4.51
C LYS A 62 -12.27 2.52 -5.16
N GLU A 63 -12.58 3.52 -4.35
CA GLU A 63 -13.07 4.80 -4.85
C GLU A 63 -12.05 5.42 -5.82
N LEU A 64 -10.77 5.15 -5.58
CA LEU A 64 -9.70 5.66 -6.43
C LEU A 64 -9.73 5.02 -7.80
N ILE A 65 -9.97 3.72 -7.86
CA ILE A 65 -9.94 3.00 -9.12
C ILE A 65 -11.10 3.46 -10.01
N ILE A 66 -12.20 3.88 -9.39
CA ILE A 66 -13.31 4.47 -10.14
C ILE A 66 -12.86 5.77 -10.76
N ASN A 67 -12.29 6.62 -9.91
CA ASN A 67 -11.80 7.92 -10.33
C ASN A 67 -10.77 7.76 -11.45
N GLU A 68 -9.96 6.71 -11.35
CA GLU A 68 -8.94 6.48 -12.36
C GLU A 68 -9.56 6.09 -13.69
N ILE A 69 -10.57 5.23 -13.65
CA ILE A 69 -11.24 4.80 -14.88
C ILE A 69 -11.92 5.97 -15.57
N LEU A 70 -12.81 6.64 -14.83
CA LEU A 70 -13.60 7.72 -15.40
C LEU A 70 -12.71 8.82 -15.98
N VAL A 71 -11.79 9.34 -15.18
CA VAL A 71 -10.92 10.42 -15.61
C VAL A 71 -10.17 10.04 -16.88
N MET A 72 -9.66 8.81 -16.91
CA MET A 72 -8.92 8.34 -18.09
C MET A 72 -9.80 8.25 -19.33
N ARG A 73 -11.05 7.80 -19.16
CA ARG A 73 -11.98 7.64 -20.28
C ARG A 73 -12.30 8.94 -20.98
N GLU A 74 -12.44 10.01 -20.21
CA GLU A 74 -12.92 11.28 -20.77
C GLU A 74 -11.78 12.24 -21.04
N ASN A 75 -10.54 11.76 -20.89
CA ASN A 75 -9.36 12.58 -21.18
C ASN A 75 -8.36 11.85 -22.06
N LYS A 76 -8.77 11.50 -23.27
CA LYS A 76 -7.86 10.87 -24.22
C LYS A 76 -6.92 11.91 -24.79
N ASN A 77 -5.63 11.57 -24.81
CA ASN A 77 -4.60 12.44 -25.34
C ASN A 77 -3.43 11.60 -25.82
N PRO A 78 -2.74 12.04 -26.88
CA PRO A 78 -1.60 11.26 -27.36
C PRO A 78 -0.47 11.16 -26.34
N ASN A 79 -0.42 12.07 -25.39
CA ASN A 79 0.59 12.02 -24.34
C ASN A 79 0.06 11.45 -23.03
N ILE A 80 -1.06 10.74 -23.11
CA ILE A 80 -1.59 10.00 -21.96
C ILE A 80 -1.69 8.53 -22.32
N VAL A 81 -1.30 7.66 -21.38
CA VAL A 81 -1.43 6.22 -21.59
C VAL A 81 -2.91 5.89 -21.73
N ASN A 82 -3.27 5.45 -22.93
CA ASN A 82 -4.66 5.28 -23.33
C ASN A 82 -5.37 4.13 -22.64
N TYR A 83 -6.49 4.45 -21.98
CA TYR A 83 -7.40 3.44 -21.42
C TYR A 83 -8.21 2.78 -22.52
N LEU A 84 -8.41 1.46 -22.40
CA LEU A 84 -9.14 0.72 -23.42
C LEU A 84 -10.44 0.13 -22.88
N ASP A 85 -10.37 -1.03 -22.26
CA ASP A 85 -11.55 -1.68 -21.72
C ASP A 85 -11.38 -1.98 -20.23
N SER A 86 -12.46 -2.47 -19.64
CA SER A 86 -12.46 -2.81 -18.22
C SER A 86 -13.34 -4.03 -17.98
N TYR A 87 -12.89 -4.93 -17.13
CA TYR A 87 -13.66 -6.14 -16.79
C TYR A 87 -13.52 -6.44 -15.30
N LEU A 88 -14.36 -7.35 -14.80
CA LEU A 88 -14.38 -7.66 -13.38
C LEU A 88 -14.93 -9.05 -13.09
N VAL A 89 -15.00 -9.89 -14.12
CA VAL A 89 -15.60 -11.23 -14.02
C VAL A 89 -14.99 -12.05 -12.87
N GLY A 90 -13.82 -11.65 -12.40
CA GLY A 90 -13.22 -12.25 -11.22
C GLY A 90 -13.49 -11.46 -9.95
N ASP A 91 -12.45 -11.24 -9.16
CA ASP A 91 -12.56 -10.46 -7.92
C ASP A 91 -11.45 -9.41 -7.87
N GLU A 92 -10.85 -9.15 -9.01
CA GLU A 92 -9.86 -8.10 -9.14
C GLU A 92 -10.12 -7.34 -10.43
N LEU A 93 -9.70 -6.08 -10.48
CA LEU A 93 -9.98 -5.25 -11.64
C LEU A 93 -9.23 -5.73 -12.87
N TRP A 94 -9.90 -5.68 -14.02
CA TRP A 94 -9.30 -6.06 -15.29
C TRP A 94 -9.21 -4.84 -16.20
N VAL A 95 -8.39 -3.88 -15.79
CA VAL A 95 -8.22 -2.65 -16.55
C VAL A 95 -7.25 -2.86 -17.69
N VAL A 96 -7.71 -2.57 -18.91
CA VAL A 96 -6.87 -2.74 -20.10
C VAL A 96 -6.46 -1.39 -20.66
N MET A 97 -5.17 -1.22 -20.90
CA MET A 97 -4.63 0.03 -21.42
C MET A 97 -3.61 -0.26 -22.52
N GLU A 98 -3.20 0.78 -23.25
CA GLU A 98 -2.19 0.58 -24.29
C GLU A 98 -0.87 0.20 -23.66
N TYR A 99 -0.08 -0.57 -24.41
CA TYR A 99 1.18 -1.09 -23.91
C TYR A 99 2.36 -0.32 -24.48
N LEU A 100 3.15 0.24 -23.58
CA LEU A 100 4.41 0.88 -23.93
C LEU A 100 5.54 0.00 -23.43
N ALA A 101 6.34 -0.50 -24.35
CA ALA A 101 7.36 -1.50 -24.02
C ALA A 101 8.68 -0.91 -23.53
N GLY A 102 8.86 0.40 -23.70
CA GLY A 102 10.11 1.06 -23.35
C GLY A 102 10.35 1.18 -21.86
N GLY A 103 9.29 1.05 -21.08
CA GLY A 103 9.43 1.10 -19.63
C GLY A 103 9.22 2.50 -19.06
N SER A 104 9.44 2.63 -17.76
CA SER A 104 9.23 3.90 -17.07
C SER A 104 10.44 4.82 -17.20
N LEU A 105 10.21 6.11 -17.02
CA LEU A 105 11.27 7.10 -17.10
C LEU A 105 12.22 6.97 -15.91
N THR A 106 11.74 6.33 -14.84
CA THR A 106 12.53 6.14 -13.64
C THR A 106 13.83 5.38 -13.95
N ASP A 107 13.71 4.28 -14.69
CA ASP A 107 14.88 3.51 -15.09
C ASP A 107 15.91 4.34 -15.83
N VAL A 108 15.41 5.24 -16.68
CA VAL A 108 16.27 6.10 -17.47
C VAL A 108 17.02 7.11 -16.60
N VAL A 109 16.30 7.79 -15.71
CA VAL A 109 16.90 8.88 -14.94
C VAL A 109 17.89 8.37 -13.89
N THR A 110 17.72 7.13 -13.45
CA THR A 110 18.59 6.58 -12.41
C THR A 110 19.71 5.72 -12.98
N GLU A 111 19.66 5.41 -14.27
CA GLU A 111 20.67 4.53 -14.87
C GLU A 111 21.38 5.15 -16.07
N THR A 112 20.90 6.31 -16.52
CA THR A 112 21.53 6.97 -17.66
C THR A 112 21.71 8.46 -17.45
N CYS A 113 22.41 9.08 -18.38
CA CYS A 113 22.65 10.50 -18.39
C CYS A 113 21.94 11.11 -19.58
N MET A 114 21.07 12.08 -19.31
CA MET A 114 20.31 12.72 -20.38
C MET A 114 20.90 14.08 -20.65
N ASP A 115 21.12 14.42 -21.91
CA ASP A 115 21.58 15.76 -22.24
C ASP A 115 20.35 16.66 -22.30
N GLU A 116 20.59 17.96 -22.38
CA GLU A 116 19.48 18.91 -22.28
C GLU A 116 18.49 18.77 -23.41
N GLY A 117 18.98 18.29 -24.56
CA GLY A 117 18.12 18.10 -25.71
C GLY A 117 17.12 16.99 -25.49
N GLN A 118 17.56 15.96 -24.79
CA GLN A 118 16.71 14.83 -24.44
C GLN A 118 15.70 15.23 -23.37
N ILE A 119 16.18 15.96 -22.38
CA ILE A 119 15.36 16.41 -21.27
C ILE A 119 14.27 17.36 -21.76
N ALA A 120 14.63 18.25 -22.67
CA ALA A 120 13.67 19.19 -23.24
C ALA A 120 12.54 18.45 -23.95
N ALA A 121 12.90 17.40 -24.69
CA ALA A 121 11.93 16.58 -25.41
C ALA A 121 10.93 15.95 -24.44
N VAL A 122 11.41 15.49 -23.30
CA VAL A 122 10.56 14.83 -22.32
C VAL A 122 9.61 15.85 -21.68
N CYS A 123 10.18 16.98 -21.27
CA CYS A 123 9.42 18.07 -20.66
C CYS A 123 8.33 18.59 -21.59
N ARG A 124 8.64 18.71 -22.88
CA ARG A 124 7.67 19.19 -23.86
C ARG A 124 6.49 18.23 -23.99
N GLU A 125 6.78 16.93 -24.03
CA GLU A 125 5.72 15.96 -24.15
C GLU A 125 4.83 15.96 -22.90
N CYS A 126 5.47 16.06 -21.74
CA CYS A 126 4.77 16.07 -20.46
C CYS A 126 3.92 17.34 -20.29
N LEU A 127 4.49 18.47 -20.68
CA LEU A 127 3.77 19.74 -20.61
C LEU A 127 2.55 19.71 -21.53
N GLN A 128 2.67 19.04 -22.67
CA GLN A 128 1.55 18.89 -23.57
C GLN A 128 0.39 18.14 -22.89
N ALA A 129 0.72 17.04 -22.21
CA ALA A 129 -0.27 16.29 -21.46
C ALA A 129 -0.86 17.15 -20.34
N LEU A 130 0.00 17.89 -19.66
CA LEU A 130 -0.44 18.74 -18.57
C LEU A 130 -1.34 19.87 -19.06
N GLU A 131 -0.99 20.46 -20.21
CA GLU A 131 -1.79 21.56 -20.74
C GLU A 131 -3.18 21.07 -21.14
N PHE A 132 -3.24 19.87 -21.72
CA PHE A 132 -4.51 19.26 -22.08
C PHE A 132 -5.36 18.98 -20.83
N LEU A 133 -4.76 18.32 -19.85
CA LEU A 133 -5.47 17.94 -18.63
C LEU A 133 -5.95 19.15 -17.85
N HIS A 134 -5.08 20.13 -17.67
CA HIS A 134 -5.44 21.35 -16.96
C HIS A 134 -6.57 22.11 -17.65
N SER A 135 -6.53 22.15 -18.98
CA SER A 135 -7.56 22.84 -19.74
C SER A 135 -8.89 22.11 -19.58
N ASN A 136 -8.82 20.85 -19.18
CA ASN A 136 -10.01 20.08 -18.82
C ASN A 136 -10.21 20.01 -17.32
N GLN A 137 -9.65 20.98 -16.61
CA GLN A 137 -9.86 21.14 -15.17
C GLN A 137 -9.58 19.87 -14.38
N VAL A 138 -8.50 19.19 -14.74
CA VAL A 138 -8.06 18.00 -14.01
C VAL A 138 -6.63 18.18 -13.54
N ILE A 139 -6.40 18.00 -12.24
CA ILE A 139 -5.05 18.02 -11.69
C ILE A 139 -4.60 16.60 -11.39
N HIS A 140 -3.43 16.24 -11.91
CA HIS A 140 -2.92 14.87 -11.78
C HIS A 140 -2.50 14.58 -10.35
N ARG A 141 -1.70 15.50 -9.80
CA ARG A 141 -1.25 15.52 -8.40
C ARG A 141 -0.20 14.46 -8.04
N ASN A 142 0.25 13.69 -9.02
CA ASN A 142 1.24 12.68 -8.73
C ASN A 142 2.24 12.51 -9.89
N ILE A 143 2.64 13.63 -10.48
CA ILE A 143 3.63 13.59 -11.55
C ILE A 143 4.99 13.21 -10.99
N LYS A 144 5.60 12.19 -11.58
CA LYS A 144 6.95 11.76 -11.23
C LYS A 144 7.40 10.78 -12.30
N SER A 145 8.71 10.53 -12.37
CA SER A 145 9.27 9.71 -13.43
C SER A 145 8.69 8.30 -13.41
N ASP A 146 8.24 7.84 -12.24
CA ASP A 146 7.57 6.54 -12.09
C ASP A 146 6.26 6.45 -12.89
N ASN A 147 5.59 7.59 -13.06
CA ASN A 147 4.32 7.64 -13.76
C ASN A 147 4.48 8.19 -15.16
N ILE A 148 5.68 8.06 -15.70
CA ILE A 148 5.94 8.36 -17.09
C ILE A 148 6.39 7.10 -17.80
N LEU A 149 5.61 6.67 -18.79
CA LEU A 149 5.93 5.46 -19.53
C LEU A 149 6.47 5.80 -20.91
N LEU A 150 7.38 4.97 -21.41
CA LEU A 150 8.07 5.27 -22.65
C LEU A 150 7.77 4.25 -23.74
N GLY A 151 7.50 4.75 -24.94
CA GLY A 151 7.35 3.89 -26.10
C GLY A 151 8.71 3.55 -26.69
N MET A 152 8.79 2.42 -27.38
CA MET A 152 10.05 1.98 -27.98
C MET A 152 10.50 2.93 -29.08
N ASP A 153 9.57 3.76 -29.53
CA ASP A 153 9.85 4.77 -30.54
C ASP A 153 10.15 6.12 -29.90
N GLY A 154 10.28 6.13 -28.58
CA GLY A 154 10.54 7.35 -27.85
C GLY A 154 9.29 8.11 -27.44
N SER A 155 8.14 7.44 -27.49
CA SER A 155 6.88 8.05 -27.06
C SER A 155 6.88 8.30 -25.56
N VAL A 156 6.36 9.47 -25.17
CA VAL A 156 6.30 9.84 -23.76
C VAL A 156 4.85 10.02 -23.30
N LYS A 157 4.38 9.13 -22.44
CA LYS A 157 2.99 9.18 -22.01
C LYS A 157 2.81 9.16 -20.49
N LEU A 158 1.75 9.83 -20.05
CA LEU A 158 1.45 10.00 -18.63
C LEU A 158 0.50 8.92 -18.13
N THR A 159 0.72 8.43 -16.91
CA THR A 159 -0.20 7.45 -16.32
C THR A 159 -0.46 7.68 -14.83
N ASP A 160 -1.14 6.72 -14.21
CA ASP A 160 -1.55 6.77 -12.80
C ASP A 160 -2.47 7.95 -12.53
N PHE A 161 -3.78 7.72 -12.57
CA PHE A 161 -4.73 8.80 -12.41
C PHE A 161 -5.63 8.62 -11.18
N GLY A 162 -5.26 7.71 -10.30
CA GLY A 162 -6.01 7.46 -9.08
C GLY A 162 -6.07 8.65 -8.13
N PHE A 163 -5.14 9.57 -8.28
CA PHE A 163 -5.01 10.71 -7.36
C PHE A 163 -5.42 12.01 -8.03
N CYS A 164 -5.99 11.90 -9.23
CA CYS A 164 -6.53 13.05 -9.94
C CYS A 164 -7.56 13.83 -9.12
N ALA A 165 -7.59 15.13 -9.34
CA ALA A 165 -8.59 16.00 -8.73
C ALA A 165 -9.33 16.76 -9.82
N GLN A 166 -10.63 16.52 -9.93
CA GLN A 166 -11.45 17.29 -10.85
C GLN A 166 -11.90 18.57 -10.17
N ILE A 167 -11.44 19.70 -10.67
CA ILE A 167 -11.83 21.00 -10.13
C ILE A 167 -12.94 21.63 -10.95
N THR A 168 -13.54 22.67 -10.40
CA THR A 168 -14.69 23.33 -11.00
C THR A 168 -14.55 24.83 -10.71
N PRO A 169 -15.16 25.68 -11.54
CA PRO A 169 -15.20 27.12 -11.21
C PRO A 169 -15.73 27.42 -9.79
N GLU A 170 -16.54 26.53 -9.23
CA GLU A 170 -17.08 26.71 -7.89
C GLU A 170 -16.06 26.28 -6.82
N GLN A 171 -15.31 25.23 -7.10
CA GLN A 171 -14.25 24.77 -6.20
C GLN A 171 -12.99 24.44 -6.99
N SER A 172 -12.19 25.47 -7.26
CA SER A 172 -11.03 25.36 -8.12
C SER A 172 -9.75 25.05 -7.35
N LYS A 173 -9.88 24.90 -6.03
CA LYS A 173 -8.73 24.60 -5.19
C LYS A 173 -9.00 23.36 -4.35
N ARG A 174 -7.92 22.72 -3.90
CA ARG A 174 -8.00 21.65 -2.93
C ARG A 174 -6.99 21.98 -1.83
N SER A 175 -6.89 21.14 -0.81
CA SER A 175 -5.94 21.40 0.27
C SER A 175 -5.51 20.11 0.95
N THR A 176 -5.75 18.99 0.29
CA THR A 176 -5.40 17.68 0.79
C THR A 176 -3.97 17.31 0.39
N MET A 177 -3.21 16.74 1.32
CA MET A 177 -1.87 16.29 1.02
C MET A 177 -1.90 15.01 0.19
N VAL A 178 -2.01 15.15 -1.13
CA VAL A 178 -1.93 13.97 -1.97
C VAL A 178 -0.76 14.09 -2.94
N GLY A 179 -0.17 12.93 -3.26
CA GLY A 179 0.99 12.86 -4.11
C GLY A 179 2.07 12.04 -3.44
N THR A 180 3.30 12.20 -3.90
CA THR A 180 4.45 11.55 -3.29
C THR A 180 5.37 12.66 -2.80
N PRO A 181 5.74 12.61 -1.50
CA PRO A 181 6.42 13.69 -0.77
C PRO A 181 7.48 14.45 -1.58
N TYR A 182 8.49 13.74 -2.05
CA TYR A 182 9.62 14.36 -2.74
C TYR A 182 9.23 15.17 -3.98
N TRP A 183 8.04 14.91 -4.53
CA TRP A 183 7.57 15.61 -5.71
C TRP A 183 6.45 16.62 -5.41
N MET A 184 6.04 16.71 -4.14
CA MET A 184 4.88 17.53 -3.80
C MET A 184 5.22 19.01 -3.63
N ALA A 185 4.40 19.85 -4.25
CA ALA A 185 4.55 21.30 -4.17
C ALA A 185 4.38 21.77 -2.73
N PRO A 186 5.13 22.82 -2.35
CA PRO A 186 5.09 23.34 -0.98
C PRO A 186 3.68 23.69 -0.51
N GLU A 187 2.86 24.22 -1.43
CA GLU A 187 1.50 24.61 -1.07
C GLU A 187 0.60 23.39 -0.84
N VAL A 188 1.03 22.23 -1.30
CA VAL A 188 0.30 20.99 -1.03
C VAL A 188 0.78 20.42 0.31
N VAL A 189 2.08 20.49 0.57
CA VAL A 189 2.64 19.98 1.81
C VAL A 189 2.07 20.75 2.99
N THR A 190 2.27 22.06 2.99
CA THR A 190 1.56 22.93 3.91
C THR A 190 0.13 23.06 3.39
N ARG A 191 -0.82 22.42 4.07
CA ARG A 191 -2.18 22.29 3.55
C ARG A 191 -2.82 23.61 3.17
N LYS A 192 -2.38 24.20 2.06
CA LYS A 192 -2.94 25.46 1.58
C LYS A 192 -3.79 25.19 0.34
N ALA A 193 -4.57 26.19 -0.07
CA ALA A 193 -5.38 26.05 -1.27
C ALA A 193 -4.48 26.05 -2.50
N TYR A 194 -4.60 25.00 -3.32
CA TYR A 194 -3.70 24.86 -4.47
C TYR A 194 -4.43 24.50 -5.76
N GLY A 195 -3.85 24.90 -6.89
CA GLY A 195 -4.43 24.62 -8.19
C GLY A 195 -3.52 23.78 -9.06
N PRO A 196 -3.81 23.73 -10.38
CA PRO A 196 -3.12 22.90 -11.37
C PRO A 196 -1.61 23.09 -11.41
N LYS A 197 -1.12 24.27 -11.02
CA LYS A 197 0.30 24.54 -11.08
C LYS A 197 1.13 23.69 -10.10
N VAL A 198 0.47 22.89 -9.28
CA VAL A 198 1.19 21.95 -8.43
C VAL A 198 1.81 20.86 -9.29
N ASP A 199 1.13 20.51 -10.37
CA ASP A 199 1.66 19.56 -11.33
C ASP A 199 2.93 20.13 -11.96
N ILE A 200 2.95 21.45 -12.14
CA ILE A 200 4.10 22.11 -12.73
C ILE A 200 5.29 21.99 -11.78
N TRP A 201 5.01 22.10 -10.49
CA TRP A 201 6.05 21.92 -9.48
C TRP A 201 6.63 20.50 -9.58
N SER A 202 5.76 19.52 -9.64
CA SER A 202 6.18 18.13 -9.73
C SER A 202 6.99 17.87 -11.01
N LEU A 203 6.65 18.57 -12.08
CA LEU A 203 7.40 18.48 -13.32
C LEU A 203 8.84 18.94 -13.08
N GLY A 204 8.97 20.13 -12.47
CA GLY A 204 10.28 20.65 -12.10
C GLY A 204 11.09 19.64 -11.32
N ILE A 205 10.50 19.07 -10.28
CA ILE A 205 11.18 18.06 -9.46
C ILE A 205 11.63 16.90 -10.34
N MET A 206 10.78 16.52 -11.29
CA MET A 206 11.12 15.43 -12.19
C MET A 206 12.25 15.82 -13.15
N ALA A 207 12.41 17.11 -13.39
CA ALA A 207 13.52 17.58 -14.21
C ALA A 207 14.83 17.41 -13.41
N ILE A 208 14.75 17.70 -12.12
CA ILE A 208 15.88 17.48 -11.22
C ILE A 208 16.24 16.00 -11.22
N GLU A 209 15.22 15.16 -11.28
CA GLU A 209 15.42 13.72 -11.46
C GLU A 209 16.27 13.46 -12.68
N MET A 210 15.86 14.06 -13.80
CA MET A 210 16.52 13.84 -15.08
C MET A 210 17.94 14.37 -15.11
N ILE A 211 18.24 15.29 -14.20
CA ILE A 211 19.56 15.91 -14.06
C ILE A 211 20.46 15.15 -13.07
N GLU A 212 20.00 15.05 -11.83
CA GLU A 212 20.83 14.54 -10.74
C GLU A 212 20.59 13.07 -10.41
N GLY A 213 19.58 12.49 -11.05
CA GLY A 213 19.30 11.07 -10.90
C GLY A 213 18.15 10.76 -9.97
N GLU A 214 17.76 11.74 -9.16
CA GLU A 214 16.70 11.53 -8.18
C GLU A 214 16.15 12.84 -7.63
N PRO A 215 14.92 12.81 -7.05
CA PRO A 215 14.36 14.04 -6.48
C PRO A 215 15.16 14.50 -5.28
N PRO A 216 15.11 15.80 -4.97
CA PRO A 216 15.79 16.34 -3.79
C PRO A 216 15.29 15.72 -2.49
N TYR A 217 16.19 15.52 -1.54
CA TYR A 217 15.91 14.95 -0.22
C TYR A 217 15.53 13.46 -0.28
N LEU A 218 15.87 12.77 -1.36
CA LEU A 218 15.46 11.38 -1.48
C LEU A 218 16.07 10.51 -0.38
N ASN A 219 17.28 10.83 0.04
CA ASN A 219 17.96 10.06 1.07
C ASN A 219 17.31 10.29 2.43
N GLU A 220 16.55 11.37 2.54
CA GLU A 220 15.79 11.64 3.76
C GLU A 220 14.53 10.79 3.82
N ASN A 221 13.99 10.61 5.02
CA ASN A 221 12.74 9.89 5.17
C ASN A 221 11.60 10.79 4.70
N PRO A 222 10.49 10.18 4.24
CA PRO A 222 9.33 10.90 3.70
C PRO A 222 8.88 12.09 4.54
N LEU A 223 8.83 11.92 5.85
CA LEU A 223 8.40 13.00 6.73
C LEU A 223 9.42 14.12 6.78
N ARG A 224 10.68 13.74 6.92
CA ARG A 224 11.77 14.69 6.94
C ARG A 224 11.77 15.48 5.64
N ALA A 225 11.56 14.77 4.54
CA ALA A 225 11.48 15.42 3.23
C ALA A 225 10.33 16.42 3.22
N LEU A 226 9.19 15.97 3.73
CA LEU A 226 7.99 16.81 3.81
C LEU A 226 8.28 18.10 4.56
N TYR A 227 8.99 17.99 5.66
CA TYR A 227 9.38 19.14 6.47
C TYR A 227 10.34 20.05 5.70
N LEU A 228 11.33 19.45 5.05
CA LEU A 228 12.34 20.19 4.29
C LEU A 228 11.72 20.98 3.16
N ILE A 229 10.77 20.37 2.45
CA ILE A 229 10.08 21.04 1.35
C ILE A 229 9.28 22.23 1.87
N ALA A 230 8.74 22.06 3.07
CA ALA A 230 7.91 23.09 3.68
C ALA A 230 8.74 24.26 4.20
N THR A 231 10.00 24.01 4.52
CA THR A 231 10.86 25.06 5.08
C THR A 231 11.80 25.67 4.04
N ASN A 232 12.50 24.81 3.30
CA ASN A 232 13.45 25.26 2.27
C ASN A 232 12.77 25.92 1.10
N GLY A 233 11.56 25.47 0.79
CA GLY A 233 10.87 25.93 -0.40
C GLY A 233 11.50 25.38 -1.67
N THR A 234 11.93 26.27 -2.55
CA THR A 234 12.47 25.88 -3.85
C THR A 234 13.89 25.30 -3.75
N PRO A 235 14.09 24.06 -4.26
CA PRO A 235 15.30 23.26 -4.12
C PRO A 235 16.52 23.83 -4.85
N GLU A 236 17.73 23.44 -4.44
CA GLU A 236 18.96 23.88 -5.10
C GLU A 236 19.62 22.72 -5.84
N LEU A 237 20.05 22.96 -7.08
CA LEU A 237 20.87 21.97 -7.79
C LEU A 237 22.17 21.77 -7.03
N GLN A 238 22.72 20.57 -7.09
CA GLN A 238 24.04 20.35 -6.54
C GLN A 238 25.06 21.13 -7.36
N ASN A 239 24.92 21.07 -8.68
CA ASN A 239 25.83 21.77 -9.58
C ASN A 239 25.09 22.59 -10.63
N PRO A 240 24.53 23.74 -10.21
CA PRO A 240 23.71 24.58 -11.09
C PRO A 240 24.45 25.01 -12.35
N GLU A 241 25.77 25.14 -12.24
CA GLU A 241 26.62 25.67 -13.30
C GLU A 241 26.91 24.64 -14.40
N LYS A 242 26.54 23.39 -14.15
CA LYS A 242 26.61 22.35 -15.17
C LYS A 242 25.60 22.63 -16.29
N LEU A 243 24.56 23.37 -15.94
CA LEU A 243 23.41 23.55 -16.84
C LEU A 243 23.46 24.85 -17.61
N SER A 244 22.83 24.85 -18.78
CA SER A 244 22.68 26.05 -19.57
C SER A 244 21.88 27.09 -18.82
N ALA A 245 21.93 28.33 -19.29
CA ALA A 245 21.20 29.42 -18.67
C ALA A 245 19.70 29.23 -18.89
N ILE A 246 19.34 28.84 -20.11
CA ILE A 246 17.95 28.72 -20.49
C ILE A 246 17.27 27.57 -19.76
N PHE A 247 18.03 26.52 -19.46
CA PHE A 247 17.52 25.38 -18.71
C PHE A 247 17.26 25.81 -17.26
N ARG A 248 18.26 26.45 -16.65
CA ARG A 248 18.12 26.95 -15.28
C ARG A 248 16.89 27.85 -15.14
N ASP A 249 16.58 28.59 -16.19
CA ASP A 249 15.45 29.51 -16.14
C ASP A 249 14.14 28.73 -16.11
N PHE A 250 14.01 27.80 -17.05
CA PHE A 250 12.88 26.89 -17.13
C PHE A 250 12.63 26.22 -15.78
N LEU A 251 13.72 25.79 -15.15
CA LEU A 251 13.63 25.19 -13.82
C LEU A 251 13.10 26.17 -12.79
N ASN A 252 13.61 27.40 -12.82
CA ASN A 252 13.21 28.42 -11.86
C ASN A 252 11.73 28.76 -11.95
N ARG A 253 11.19 28.71 -13.16
CA ARG A 253 9.80 29.06 -13.39
C ARG A 253 8.88 27.85 -13.20
N CYS A 254 9.48 26.67 -13.08
CA CYS A 254 8.75 25.47 -12.71
C CYS A 254 8.65 25.40 -11.19
N LEU A 255 9.73 25.82 -10.53
CA LEU A 255 9.87 25.62 -9.09
C LEU A 255 9.75 26.92 -8.30
N GLU A 256 9.03 27.88 -8.87
CA GLU A 256 8.74 29.13 -8.19
C GLU A 256 7.82 28.90 -6.97
N MET A 257 8.18 29.52 -5.84
CA MET A 257 7.35 29.45 -4.63
C MET A 257 6.04 30.22 -4.81
N ASP A 258 6.12 31.33 -5.52
CA ASP A 258 4.95 32.14 -5.82
C ASP A 258 4.15 31.48 -6.94
N VAL A 259 3.02 30.87 -6.61
CA VAL A 259 2.18 30.18 -7.58
C VAL A 259 1.83 31.10 -8.76
N GLU A 260 1.55 32.35 -8.45
CA GLU A 260 1.23 33.34 -9.49
C GLU A 260 2.44 33.61 -10.39
N LYS A 261 3.64 33.51 -9.81
CA LYS A 261 4.86 33.75 -10.56
C LYS A 261 5.36 32.46 -11.22
N ARG A 262 4.78 31.34 -10.83
CA ARG A 262 5.12 30.04 -11.39
C ARG A 262 4.42 29.87 -12.74
N GLY A 263 5.08 29.21 -13.68
CA GLY A 263 4.55 29.09 -15.02
C GLY A 263 3.43 28.09 -15.17
N SER A 264 2.48 28.40 -16.05
CA SER A 264 1.45 27.43 -16.42
C SER A 264 2.00 26.50 -17.49
N ALA A 265 1.32 25.38 -17.73
CA ALA A 265 1.72 24.46 -18.78
C ALA A 265 1.75 25.17 -20.13
N LYS A 266 0.71 25.97 -20.39
CA LYS A 266 0.60 26.68 -21.64
C LYS A 266 1.73 27.69 -21.82
N GLU A 267 2.08 28.37 -20.74
CA GLU A 267 3.19 29.32 -20.75
C GLU A 267 4.51 28.59 -20.95
N LEU A 268 4.66 27.48 -20.23
CA LEU A 268 5.92 26.74 -20.25
C LEU A 268 6.14 26.03 -21.59
N LEU A 269 5.07 25.73 -22.31
CA LEU A 269 5.21 25.13 -23.62
C LEU A 269 5.85 26.10 -24.62
N GLN A 270 5.93 27.38 -24.23
CA GLN A 270 6.51 28.41 -25.07
C GLN A 270 7.90 28.82 -24.61
N HIS A 271 8.44 28.12 -23.62
CA HIS A 271 9.72 28.51 -23.04
C HIS A 271 10.85 28.20 -24.01
N GLN A 272 11.85 29.07 -24.04
CA GLN A 272 12.93 28.95 -25.00
C GLN A 272 13.73 27.67 -24.82
N PHE A 273 13.63 27.07 -23.64
CA PHE A 273 14.35 25.84 -23.34
C PHE A 273 13.86 24.69 -24.19
N LEU A 274 12.57 24.64 -24.46
CA LEU A 274 12.01 23.52 -25.22
C LEU A 274 12.41 23.59 -26.69
N LYS A 275 13.00 24.72 -27.10
CA LYS A 275 13.40 24.91 -28.49
C LYS A 275 14.63 24.10 -28.84
N ILE A 276 15.33 23.61 -27.82
CA ILE A 276 16.51 22.78 -28.06
C ILE A 276 16.15 21.31 -27.85
N ALA A 277 14.85 21.01 -27.91
CA ALA A 277 14.40 19.63 -27.77
C ALA A 277 14.81 18.79 -28.96
N LYS A 278 15.33 17.60 -28.69
CA LYS A 278 15.67 16.65 -29.74
C LYS A 278 14.43 15.86 -30.20
N PRO A 279 14.53 15.19 -31.35
CA PRO A 279 13.47 14.26 -31.76
C PRO A 279 13.28 13.15 -30.73
N LEU A 280 12.05 12.65 -30.60
CA LEU A 280 11.74 11.63 -29.62
C LEU A 280 12.52 10.32 -29.86
N SER A 281 13.04 10.15 -31.06
CA SER A 281 13.84 8.99 -31.38
C SER A 281 15.17 9.00 -30.62
N SER A 282 15.58 10.18 -30.18
CA SER A 282 16.83 10.34 -29.45
C SER A 282 16.76 9.69 -28.08
N LEU A 283 15.54 9.34 -27.64
CA LEU A 283 15.35 8.72 -26.34
C LEU A 283 15.54 7.21 -26.38
N THR A 284 15.46 6.62 -27.57
CA THR A 284 15.60 5.17 -27.71
C THR A 284 16.95 4.65 -27.21
N PRO A 285 18.06 5.37 -27.49
CA PRO A 285 19.30 4.91 -26.86
C PRO A 285 19.26 4.93 -25.34
N LEU A 286 18.63 5.94 -24.75
CA LEU A 286 18.45 5.99 -23.30
C LEU A 286 17.66 4.78 -22.81
N ILE A 287 16.66 4.36 -23.60
CA ILE A 287 15.87 3.20 -23.25
C ILE A 287 16.69 1.93 -23.27
N ALA A 288 17.41 1.71 -24.36
CA ALA A 288 18.29 0.56 -24.51
C ALA A 288 19.32 0.50 -23.37
N ALA A 289 19.83 1.66 -23.00
CA ALA A 289 20.79 1.77 -21.92
C ALA A 289 20.16 1.32 -20.61
N ALA A 290 18.95 1.82 -20.33
CA ALA A 290 18.27 1.48 -19.07
C ALA A 290 17.92 0.00 -19.02
N LYS A 291 17.45 -0.56 -20.14
CA LYS A 291 17.17 -1.98 -20.21
C LYS A 291 18.41 -2.79 -19.84
N GLU A 292 19.54 -2.47 -20.46
CA GLU A 292 20.83 -3.02 -20.05
C GLU A 292 21.09 -2.52 -18.63
N ALA A 293 21.81 -3.29 -17.81
CA ALA A 293 21.90 -3.00 -16.38
C ALA A 293 20.51 -2.99 -15.75
N THR A 294 19.89 -4.16 -15.75
CA THR A 294 18.54 -4.38 -15.24
C THR A 294 18.19 -5.84 -15.41
N SER B 2 19.97 -23.46 -3.52
CA SER B 2 19.66 -24.31 -4.67
C SER B 2 18.21 -24.76 -4.62
N ASP B 3 17.74 -25.36 -5.71
CA ASP B 3 16.40 -25.94 -5.75
C ASP B 3 16.42 -27.33 -5.11
N GLU B 4 17.60 -27.96 -5.11
CA GLU B 4 17.78 -29.26 -4.48
C GLU B 4 17.72 -29.15 -2.96
N GLU B 5 18.17 -28.01 -2.44
CA GLU B 5 18.10 -27.72 -1.01
C GLU B 5 16.65 -27.46 -0.59
N ILE B 6 15.82 -27.13 -1.58
CA ILE B 6 14.40 -26.84 -1.36
C ILE B 6 13.53 -28.09 -1.47
N LEU B 7 13.67 -28.80 -2.58
CA LEU B 7 12.82 -29.94 -2.93
C LEU B 7 12.53 -30.90 -1.78
N GLU B 8 13.56 -31.59 -1.30
CA GLU B 8 13.38 -32.69 -0.35
C GLU B 8 13.36 -32.24 1.11
N LYS B 9 13.39 -30.94 1.35
CA LYS B 9 13.35 -30.44 2.72
C LYS B 9 11.92 -30.49 3.25
N LEU B 10 10.97 -30.24 2.35
CA LEU B 10 9.55 -30.32 2.69
C LEU B 10 9.14 -31.72 3.10
N ARG B 11 9.41 -32.68 2.21
CA ARG B 11 9.01 -34.07 2.39
C ARG B 11 9.48 -34.65 3.73
N SER B 12 10.56 -34.09 4.25
CA SER B 12 11.09 -34.52 5.54
C SER B 12 10.14 -34.15 6.68
N ILE B 13 9.45 -33.02 6.51
CA ILE B 13 8.65 -32.44 7.60
C ILE B 13 7.16 -32.75 7.49
N VAL B 14 6.61 -32.51 6.30
CA VAL B 14 5.17 -32.67 6.09
C VAL B 14 4.71 -34.09 6.36
N SER B 15 3.49 -34.20 6.89
CA SER B 15 2.92 -35.51 7.17
C SER B 15 2.63 -36.25 5.86
N VAL B 16 2.39 -37.55 5.98
CA VAL B 16 2.00 -38.35 4.83
C VAL B 16 0.48 -38.49 4.79
N GLY B 17 -0.03 -39.05 3.70
CA GLY B 17 -1.46 -39.26 3.57
C GLY B 17 -2.10 -38.27 2.61
N ASP B 18 -3.25 -38.64 2.09
CA ASP B 18 -4.00 -37.79 1.18
C ASP B 18 -4.86 -36.81 1.96
N PRO B 19 -4.52 -35.51 1.89
CA PRO B 19 -5.31 -34.49 2.56
C PRO B 19 -6.70 -34.38 1.97
N LYS B 20 -6.86 -34.86 0.73
CA LYS B 20 -8.17 -34.88 0.09
C LYS B 20 -9.05 -35.92 0.76
N LYS B 21 -8.42 -36.87 1.45
CA LYS B 21 -9.13 -37.96 2.12
C LYS B 21 -9.39 -37.66 3.60
N LYS B 22 -8.50 -36.89 4.21
CA LYS B 22 -8.56 -36.66 5.65
C LYS B 22 -9.57 -35.59 6.04
N TYR B 23 -9.85 -34.68 5.10
CA TYR B 23 -10.76 -33.56 5.35
C TYR B 23 -11.88 -33.47 4.31
N THR B 24 -12.97 -32.80 4.67
CA THR B 24 -14.09 -32.61 3.75
C THR B 24 -14.70 -31.22 3.88
N ARG B 25 -15.76 -30.97 3.11
CA ARG B 25 -16.53 -29.73 3.19
C ARG B 25 -15.67 -28.48 3.03
N PHE B 26 -14.79 -28.51 2.03
CA PHE B 26 -13.89 -27.39 1.78
C PHE B 26 -14.63 -26.10 1.43
N GLU B 27 -14.31 -25.03 2.14
CA GLU B 27 -14.93 -23.74 1.91
C GLU B 27 -13.91 -22.60 1.93
N LYS B 28 -13.81 -21.92 0.80
CA LYS B 28 -12.92 -20.78 0.63
C LYS B 28 -13.30 -19.60 1.53
N ILE B 29 -12.42 -19.20 2.43
CA ILE B 29 -12.70 -18.06 3.32
C ILE B 29 -11.79 -16.87 3.05
N GLY B 30 -10.79 -17.06 2.20
CA GLY B 30 -9.85 -16.02 1.87
C GLY B 30 -8.89 -16.50 0.80
N GLN B 31 -7.98 -15.62 0.39
CA GLN B 31 -7.01 -15.96 -0.65
C GLN B 31 -5.92 -14.90 -0.73
N GLY B 32 -4.85 -15.07 0.04
CA GLY B 32 -3.74 -14.16 -0.01
C GLY B 32 -2.93 -14.33 -1.29
N ALA B 33 -1.78 -13.68 -1.36
CA ALA B 33 -0.87 -13.84 -2.49
C ALA B 33 -0.05 -15.10 -2.33
N SER B 34 0.08 -15.56 -1.08
CA SER B 34 0.79 -16.78 -0.78
C SER B 34 0.02 -17.98 -1.29
N GLY B 35 -1.26 -18.04 -0.93
CA GLY B 35 -2.13 -19.11 -1.36
C GLY B 35 -3.58 -18.91 -0.94
N THR B 36 -4.44 -19.83 -1.35
CA THR B 36 -5.86 -19.76 -1.01
C THR B 36 -6.15 -20.47 0.31
N VAL B 37 -6.79 -19.76 1.23
CA VAL B 37 -7.11 -20.34 2.53
C VAL B 37 -8.55 -20.86 2.59
N TYR B 38 -8.69 -22.17 2.75
CA TYR B 38 -10.01 -22.79 2.87
C TYR B 38 -10.29 -23.19 4.32
N THR B 39 -11.56 -23.44 4.61
CA THR B 39 -11.93 -24.16 5.82
C THR B 39 -12.42 -25.54 5.43
N ALA B 40 -12.31 -26.47 6.37
CA ALA B 40 -12.65 -27.87 6.11
C ALA B 40 -12.77 -28.60 7.43
N MET B 41 -13.18 -29.86 7.37
CA MET B 41 -13.44 -30.62 8.60
C MET B 41 -12.70 -31.95 8.61
N ASP B 42 -12.02 -32.23 9.71
CA ASP B 42 -11.39 -33.53 9.91
C ASP B 42 -12.48 -34.61 9.80
N VAL B 43 -12.25 -35.57 8.92
CA VAL B 43 -13.23 -36.60 8.61
C VAL B 43 -13.51 -37.52 9.79
N ALA B 44 -12.50 -37.74 10.63
CA ALA B 44 -12.61 -38.70 11.71
C ALA B 44 -13.01 -38.06 13.05
N THR B 45 -12.79 -36.76 13.20
CA THR B 45 -12.94 -36.11 14.50
C THR B 45 -13.94 -34.98 14.48
N GLY B 46 -14.30 -34.52 13.28
CA GLY B 46 -15.25 -33.43 13.15
C GLY B 46 -14.67 -32.06 13.48
N GLN B 47 -13.37 -32.03 13.73
CA GLN B 47 -12.68 -30.76 14.01
C GLN B 47 -12.64 -29.87 12.77
N GLU B 48 -13.11 -28.65 12.89
CA GLU B 48 -13.02 -27.71 11.77
C GLU B 48 -11.65 -27.04 11.79
N VAL B 49 -10.94 -27.10 10.66
CA VAL B 49 -9.60 -26.53 10.58
C VAL B 49 -9.49 -25.53 9.44
N ALA B 50 -8.36 -24.83 9.38
CA ALA B 50 -8.06 -23.92 8.28
C ALA B 50 -6.89 -24.48 7.47
N ILE B 51 -6.98 -24.38 6.15
CA ILE B 51 -5.98 -24.97 5.29
C ILE B 51 -5.46 -23.98 4.26
N LYS B 52 -4.21 -23.56 4.42
CA LYS B 52 -3.57 -22.68 3.45
C LYS B 52 -2.92 -23.53 2.38
N GLN B 53 -3.11 -23.12 1.13
CA GLN B 53 -2.72 -23.93 -0.01
C GLN B 53 -1.81 -23.16 -0.97
N MET B 54 -0.51 -23.44 -0.89
CA MET B 54 0.50 -22.71 -1.65
C MET B 54 1.11 -23.52 -2.79
N ASN B 55 1.22 -22.90 -3.95
CA ASN B 55 1.93 -23.51 -5.08
C ASN B 55 3.43 -23.25 -4.97
N LEU B 56 4.21 -24.32 -4.85
CA LEU B 56 5.66 -24.19 -4.67
C LEU B 56 6.36 -23.64 -5.90
N GLN B 57 6.20 -24.33 -7.03
CA GLN B 57 6.83 -23.93 -8.29
C GLN B 57 6.49 -22.48 -8.62
N GLN B 58 7.27 -21.57 -8.05
CA GLN B 58 7.06 -20.14 -8.22
C GLN B 58 8.14 -19.53 -9.13
N PRO B 60 9.58 -17.57 -6.80
CA PRO B 60 10.61 -17.93 -5.83
C PRO B 60 10.08 -17.97 -4.40
N LYS B 61 10.86 -17.43 -3.47
CA LYS B 61 10.52 -17.42 -2.05
C LYS B 61 10.22 -18.83 -1.51
N LYS B 62 10.84 -19.83 -2.12
CA LYS B 62 10.57 -21.23 -1.74
C LYS B 62 11.30 -21.60 -0.45
N GLU B 63 12.50 -21.06 -0.28
CA GLU B 63 13.30 -21.35 0.91
C GLU B 63 12.68 -20.77 2.18
N LEU B 64 12.15 -19.55 2.06
CA LEU B 64 11.62 -18.81 3.20
C LEU B 64 10.40 -19.51 3.81
N ILE B 65 9.48 -19.94 2.96
CA ILE B 65 8.24 -20.54 3.46
C ILE B 65 8.51 -21.88 4.15
N ILE B 66 9.50 -22.62 3.66
CA ILE B 66 9.90 -23.87 4.29
C ILE B 66 10.37 -23.59 5.71
N ASN B 67 11.11 -22.51 5.88
CA ASN B 67 11.57 -22.10 7.19
C ASN B 67 10.43 -21.59 8.06
N GLU B 68 9.48 -20.89 7.46
CA GLU B 68 8.30 -20.42 8.18
C GLU B 68 7.60 -21.56 8.89
N ILE B 69 7.27 -22.59 8.12
CA ILE B 69 6.55 -23.74 8.64
C ILE B 69 7.37 -24.46 9.69
N LEU B 70 8.68 -24.50 9.48
CA LEU B 70 9.61 -25.04 10.46
C LEU B 70 9.51 -24.29 11.78
N VAL B 71 9.48 -22.95 11.70
CA VAL B 71 9.38 -22.15 12.91
C VAL B 71 7.98 -22.22 13.51
N MET B 72 6.98 -22.20 12.63
CA MET B 72 5.59 -22.30 13.04
C MET B 72 5.33 -23.56 13.88
N ARG B 73 5.88 -24.68 13.42
CA ARG B 73 5.65 -25.95 14.09
C ARG B 73 6.30 -26.02 15.46
N GLU B 74 7.52 -25.49 15.56
CA GLU B 74 8.30 -25.58 16.79
C GLU B 74 7.86 -24.58 17.85
N ASN B 75 7.17 -23.52 17.45
CA ASN B 75 6.80 -22.47 18.39
C ASN B 75 5.31 -22.21 18.46
N LYS B 76 4.64 -22.94 19.35
CA LYS B 76 3.20 -22.84 19.48
C LYS B 76 2.82 -22.08 20.73
N ASN B 77 1.66 -21.45 20.71
CA ASN B 77 1.17 -20.69 21.84
C ASN B 77 -0.33 -20.49 21.73
N PRO B 78 -1.04 -20.69 22.85
CA PRO B 78 -2.50 -20.61 22.90
C PRO B 78 -3.07 -19.35 22.28
N ASN B 79 -2.34 -18.23 22.34
CA ASN B 79 -2.88 -16.97 21.85
C ASN B 79 -2.40 -16.63 20.45
N ILE B 80 -2.03 -17.67 19.71
CA ILE B 80 -1.58 -17.55 18.33
C ILE B 80 -2.28 -18.62 17.51
N VAL B 81 -2.67 -18.31 16.28
CA VAL B 81 -3.16 -19.34 15.37
C VAL B 81 -2.01 -20.30 15.08
N ASN B 82 -2.10 -21.53 15.62
CA ASN B 82 -0.99 -22.46 15.55
C ASN B 82 -1.02 -23.39 14.34
N TYR B 83 0.17 -23.92 14.01
CA TYR B 83 0.32 -24.93 12.99
C TYR B 83 -0.21 -26.26 13.53
N LEU B 84 -1.02 -26.93 12.73
CA LEU B 84 -1.52 -28.25 13.10
C LEU B 84 -0.72 -29.33 12.38
N ASP B 85 -0.77 -29.30 11.05
CA ASP B 85 -0.09 -30.31 10.24
C ASP B 85 0.26 -29.74 8.87
N SER B 86 0.87 -30.56 8.02
CA SER B 86 1.17 -30.14 6.65
C SER B 86 1.27 -31.30 5.68
N TYR B 87 0.89 -31.06 4.44
CA TYR B 87 0.88 -32.08 3.41
C TYR B 87 1.43 -31.56 2.10
N LEU B 88 2.12 -32.43 1.38
CA LEU B 88 2.62 -32.11 0.04
C LEU B 88 1.67 -32.71 -1.01
N VAL B 89 1.08 -31.85 -1.83
CA VAL B 89 0.06 -32.27 -2.78
C VAL B 89 0.35 -31.79 -4.20
N GLY B 90 1.28 -32.47 -4.88
CA GLY B 90 1.60 -32.20 -6.27
C GLY B 90 2.00 -30.76 -6.57
N ASP B 91 3.23 -30.41 -6.23
CA ASP B 91 3.77 -29.06 -6.41
C ASP B 91 2.96 -28.01 -5.64
N GLU B 92 2.02 -28.49 -4.82
CA GLU B 92 1.25 -27.62 -3.94
C GLU B 92 1.47 -28.02 -2.48
N LEU B 93 1.59 -27.03 -1.63
CA LEU B 93 1.82 -27.25 -0.21
C LEU B 93 0.55 -26.98 0.59
N TRP B 94 0.17 -27.92 1.44
CA TRP B 94 -1.00 -27.71 2.27
C TRP B 94 -0.59 -27.57 3.73
N VAL B 95 -0.89 -26.41 4.30
CA VAL B 95 -0.60 -26.17 5.71
C VAL B 95 -1.90 -26.08 6.50
N VAL B 96 -1.99 -26.87 7.56
CA VAL B 96 -3.20 -26.92 8.36
C VAL B 96 -3.01 -26.15 9.66
N MET B 97 -3.89 -25.19 9.89
CA MET B 97 -3.82 -24.30 11.04
C MET B 97 -5.10 -24.43 11.84
N GLU B 98 -5.07 -24.06 13.12
CA GLU B 98 -6.29 -24.15 13.92
C GLU B 98 -7.25 -23.05 13.47
N TYR B 99 -8.53 -23.36 13.45
CA TYR B 99 -9.53 -22.46 12.86
C TYR B 99 -10.42 -21.83 13.92
N LEU B 100 -10.67 -20.54 13.77
CA LEU B 100 -11.59 -19.82 14.65
C LEU B 100 -12.77 -19.31 13.84
N ALA B 101 -13.96 -19.81 14.16
CA ALA B 101 -15.16 -19.44 13.43
C ALA B 101 -15.76 -18.13 13.93
N GLY B 102 -15.32 -17.66 15.08
CA GLY B 102 -15.84 -16.43 15.64
C GLY B 102 -15.58 -15.18 14.83
N GLY B 103 -14.64 -15.24 13.89
CA GLY B 103 -14.33 -14.09 13.05
C GLY B 103 -13.30 -13.16 13.65
N SER B 104 -13.09 -12.01 13.03
CA SER B 104 -12.09 -11.07 13.50
C SER B 104 -12.70 -10.00 14.40
N LEU B 105 -11.83 -9.35 15.19
CA LEU B 105 -12.25 -8.34 16.14
C LEU B 105 -12.85 -7.11 15.47
N THR B 106 -12.43 -6.82 14.24
CA THR B 106 -12.91 -5.64 13.52
C THR B 106 -14.43 -5.62 13.38
N ASP B 107 -15.02 -6.79 13.13
CA ASP B 107 -16.47 -6.89 13.01
C ASP B 107 -17.14 -6.58 14.35
N VAL B 108 -16.55 -7.07 15.43
CA VAL B 108 -17.08 -6.83 16.77
C VAL B 108 -17.01 -5.35 17.16
N VAL B 109 -15.86 -4.71 16.92
CA VAL B 109 -15.69 -3.34 17.37
C VAL B 109 -16.63 -2.40 16.63
N THR B 110 -17.05 -2.78 15.43
CA THR B 110 -17.92 -1.91 14.64
C THR B 110 -19.40 -2.23 14.83
N GLU B 111 -19.70 -3.44 15.27
CA GLU B 111 -21.09 -3.88 15.36
C GLU B 111 -21.59 -3.96 16.79
N THR B 112 -20.71 -3.69 17.75
CA THR B 112 -21.09 -3.61 19.15
C THR B 112 -20.35 -2.46 19.80
N CYS B 113 -20.63 -2.20 21.07
CA CYS B 113 -19.80 -1.29 21.85
C CYS B 113 -19.28 -2.03 23.09
N MET B 114 -17.99 -2.36 23.06
CA MET B 114 -17.35 -3.11 24.13
C MET B 114 -17.16 -2.26 25.38
N ASP B 115 -17.26 -2.89 26.55
CA ASP B 115 -16.98 -2.21 27.80
C ASP B 115 -15.52 -2.48 28.19
N GLU B 116 -15.03 -1.79 29.20
CA GLU B 116 -13.62 -1.85 29.55
C GLU B 116 -13.21 -3.25 30.01
N GLY B 117 -14.14 -3.94 30.66
CA GLY B 117 -13.92 -5.32 31.08
C GLY B 117 -13.64 -6.22 29.89
N GLN B 118 -14.39 -6.03 28.81
CA GLN B 118 -14.21 -6.84 27.61
C GLN B 118 -12.93 -6.47 26.90
N ILE B 119 -12.66 -5.17 26.82
CA ILE B 119 -11.45 -4.69 26.17
C ILE B 119 -10.20 -5.18 26.90
N ALA B 120 -10.19 -5.06 28.22
CA ALA B 120 -9.08 -5.53 29.05
C ALA B 120 -8.79 -7.00 28.80
N ALA B 121 -9.86 -7.79 28.66
CA ALA B 121 -9.73 -9.22 28.38
C ALA B 121 -9.03 -9.48 27.05
N VAL B 122 -9.37 -8.70 26.03
CA VAL B 122 -8.75 -8.83 24.72
C VAL B 122 -7.30 -8.36 24.75
N CYS B 123 -7.06 -7.25 25.44
CA CYS B 123 -5.71 -6.74 25.58
C CYS B 123 -4.80 -7.75 26.29
N ARG B 124 -5.29 -8.36 27.37
CA ARG B 124 -4.49 -9.33 28.11
C ARG B 124 -4.06 -10.52 27.27
N GLU B 125 -5.00 -11.12 26.53
CA GLU B 125 -4.71 -12.27 25.69
C GLU B 125 -3.72 -11.88 24.59
N CYS B 126 -3.87 -10.68 24.06
CA CYS B 126 -2.96 -10.17 23.04
C CYS B 126 -1.56 -9.98 23.61
N LEU B 127 -1.49 -9.36 24.78
CA LEU B 127 -0.22 -9.15 25.47
C LEU B 127 0.48 -10.49 25.67
N GLN B 128 -0.27 -11.51 26.05
CA GLN B 128 0.28 -12.85 26.21
C GLN B 128 0.88 -13.37 24.91
N ALA B 129 0.17 -13.15 23.79
CA ALA B 129 0.70 -13.56 22.49
C ALA B 129 1.97 -12.78 22.15
N LEU B 130 1.99 -11.51 22.50
CA LEU B 130 3.13 -10.65 22.17
C LEU B 130 4.36 -10.95 23.01
N GLU B 131 4.16 -11.21 24.29
CA GLU B 131 5.28 -11.56 25.15
C GLU B 131 5.96 -12.79 24.61
N PHE B 132 5.14 -13.74 24.15
CA PHE B 132 5.63 -14.97 23.57
C PHE B 132 6.41 -14.71 22.29
N LEU B 133 5.87 -13.83 21.45
CA LEU B 133 6.51 -13.54 20.17
C LEU B 133 7.79 -12.77 20.40
N HIS B 134 7.76 -11.81 21.32
CA HIS B 134 8.90 -10.97 21.56
C HIS B 134 10.06 -11.73 22.21
N SER B 135 9.73 -12.74 23.01
CA SER B 135 10.76 -13.55 23.64
C SER B 135 11.47 -14.40 22.58
N ASN B 136 10.70 -14.89 21.62
CA ASN B 136 11.26 -15.62 20.48
C ASN B 136 11.76 -14.65 19.41
N GLN B 137 11.85 -13.39 19.77
CA GLN B 137 12.43 -12.35 18.90
C GLN B 137 11.69 -12.21 17.56
N VAL B 138 10.36 -12.21 17.64
CA VAL B 138 9.52 -12.02 16.48
C VAL B 138 8.70 -10.74 16.64
N ILE B 139 8.61 -9.93 15.59
CA ILE B 139 7.78 -8.73 15.63
C ILE B 139 6.61 -8.87 14.67
N HIS B 140 5.40 -8.83 15.21
CA HIS B 140 4.19 -8.97 14.42
C HIS B 140 4.11 -7.89 13.34
N ARG B 141 4.39 -6.65 13.73
CA ARG B 141 4.36 -5.47 12.86
C ARG B 141 2.95 -5.06 12.40
N ASN B 142 1.97 -5.92 12.61
CA ASN B 142 0.62 -5.62 12.15
C ASN B 142 -0.48 -5.92 13.15
N ILE B 143 -0.33 -5.39 14.35
CA ILE B 143 -1.32 -5.57 15.39
C ILE B 143 -2.47 -4.62 15.10
N LYS B 144 -3.54 -5.17 14.55
CA LYS B 144 -4.76 -4.43 14.31
C LYS B 144 -5.94 -5.41 14.30
N SER B 145 -7.15 -4.87 14.44
CA SER B 145 -8.31 -5.68 14.82
C SER B 145 -8.67 -6.81 13.85
N ASP B 146 -8.39 -6.63 12.56
CA ASP B 146 -8.68 -7.67 11.58
C ASP B 146 -7.62 -8.77 11.56
N ASN B 147 -6.65 -8.71 12.47
CA ASN B 147 -5.64 -9.76 12.60
C ASN B 147 -5.73 -10.43 13.96
N ILE B 148 -6.77 -10.06 14.69
CA ILE B 148 -7.11 -10.73 15.92
C ILE B 148 -8.32 -11.60 15.64
N LEU B 149 -8.17 -12.90 15.86
CA LEU B 149 -9.27 -13.82 15.63
C LEU B 149 -9.90 -14.29 16.94
N LEU B 150 -11.22 -14.54 16.89
CA LEU B 150 -11.99 -14.93 18.06
C LEU B 150 -12.59 -16.32 17.87
N GLY B 151 -12.54 -17.13 18.93
CA GLY B 151 -13.19 -18.43 18.92
C GLY B 151 -14.59 -18.32 19.47
N MET B 152 -15.43 -19.31 19.17
CA MET B 152 -16.81 -19.29 19.64
C MET B 152 -16.89 -19.38 21.17
N ASP B 153 -15.79 -19.77 21.80
CA ASP B 153 -15.74 -19.79 23.26
C ASP B 153 -15.11 -18.50 23.81
N GLY B 154 -14.89 -17.53 22.93
CA GLY B 154 -14.33 -16.25 23.31
C GLY B 154 -12.80 -16.21 23.32
N SER B 155 -12.17 -17.34 23.01
CA SER B 155 -10.72 -17.41 22.99
C SER B 155 -10.18 -16.41 21.96
N VAL B 156 -8.98 -15.91 22.19
CA VAL B 156 -8.42 -14.83 21.39
C VAL B 156 -7.03 -15.17 20.82
N LYS B 157 -6.86 -15.02 19.50
CA LYS B 157 -5.59 -15.39 18.86
C LYS B 157 -5.11 -14.41 17.78
N LEU B 158 -3.79 -14.25 17.70
CA LEU B 158 -3.15 -13.43 16.68
C LEU B 158 -2.95 -14.23 15.39
N THR B 159 -3.11 -13.56 14.25
CA THR B 159 -2.80 -14.19 12.96
C THR B 159 -2.11 -13.21 12.02
N ASP B 160 -1.83 -13.67 10.81
CA ASP B 160 -1.21 -12.87 9.77
C ASP B 160 0.10 -12.22 10.21
N PHE B 161 1.04 -13.04 10.64
CA PHE B 161 2.39 -12.55 10.91
C PHE B 161 3.41 -13.56 10.46
N GLY B 162 4.62 -13.08 10.16
CA GLY B 162 5.71 -13.97 9.81
C GLY B 162 6.66 -14.16 10.97
N PHE B 163 7.01 -15.42 11.23
CA PHE B 163 8.02 -15.75 12.23
C PHE B 163 9.40 -15.33 11.74
N CYS B 164 9.76 -15.78 10.54
CA CYS B 164 11.07 -15.49 9.96
C CYS B 164 11.14 -14.10 9.35
N ALA B 165 10.36 -13.87 8.30
CA ALA B 165 10.31 -12.56 7.65
C ALA B 165 8.91 -11.96 7.75
N GLN B 166 8.85 -10.63 7.71
CA GLN B 166 7.60 -9.90 7.77
C GLN B 166 6.69 -10.23 6.58
N ILE B 167 5.37 -10.25 6.81
CA ILE B 167 4.42 -10.49 5.72
C ILE B 167 4.22 -9.24 4.89
N THR B 168 4.51 -8.08 5.48
CA THR B 168 4.37 -6.80 4.78
C THR B 168 5.70 -6.38 4.14
N PRO B 169 5.72 -6.31 2.81
CA PRO B 169 6.92 -5.86 2.09
C PRO B 169 7.23 -4.40 2.42
N GLU B 170 8.52 -4.09 2.65
CA GLU B 170 8.92 -2.72 2.91
C GLU B 170 8.66 -1.84 1.70
N GLN B 171 7.70 -0.93 1.82
CA GLN B 171 7.31 -0.08 0.71
C GLN B 171 8.37 0.98 0.45
N SER B 172 8.74 1.16 -0.83
CA SER B 172 9.83 2.07 -1.18
C SER B 172 9.44 3.52 -0.93
N LYS B 173 10.44 4.35 -0.65
CA LYS B 173 10.23 5.75 -0.33
C LYS B 173 9.56 6.52 -1.47
N ARG B 174 9.71 6.03 -2.71
CA ARG B 174 9.13 6.74 -3.84
C ARG B 174 7.73 6.22 -4.19
N SER B 175 7.30 5.13 -3.56
CA SER B 175 5.97 4.60 -3.80
C SER B 175 4.89 5.51 -3.23
N THR B 176 3.82 5.71 -3.99
CA THR B 176 2.70 6.50 -3.51
C THR B 176 1.97 5.72 -2.44
N MET B 177 1.67 6.37 -1.33
CA MET B 177 1.09 5.69 -0.19
C MET B 177 -0.44 5.64 -0.27
N VAL B 178 -0.97 4.45 -0.49
CA VAL B 178 -2.41 4.24 -0.43
C VAL B 178 -2.75 3.56 0.89
N GLY B 179 -3.85 3.97 1.49
CA GLY B 179 -4.23 3.47 2.80
C GLY B 179 -3.42 4.10 3.91
N THR B 180 -4.10 4.48 4.98
CA THR B 180 -3.44 5.02 6.16
C THR B 180 -2.88 3.90 7.05
N PRO B 181 -1.59 3.98 7.39
CA PRO B 181 -0.97 3.03 8.31
C PRO B 181 -1.21 3.46 9.75
N TYR B 182 -2.48 3.53 10.15
CA TYR B 182 -2.87 4.12 11.43
C TYR B 182 -2.28 3.39 12.64
N TRP B 183 -1.96 2.11 12.48
CA TRP B 183 -1.47 1.30 13.59
C TRP B 183 0.03 1.43 13.82
N MET B 184 0.75 2.04 12.88
CA MET B 184 2.20 2.06 12.94
C MET B 184 2.76 3.09 13.93
N ALA B 185 3.71 2.63 14.74
CA ALA B 185 4.40 3.46 15.73
C ALA B 185 5.19 4.57 15.06
N PRO B 186 5.51 5.64 15.82
CA PRO B 186 6.30 6.74 15.24
C PRO B 186 7.64 6.28 14.67
N GLU B 187 8.39 5.45 15.41
CA GLU B 187 9.72 5.05 14.97
C GLU B 187 9.66 4.25 13.67
N VAL B 188 8.54 3.53 13.46
CA VAL B 188 8.32 2.81 12.21
C VAL B 188 8.02 3.79 11.08
N VAL B 189 7.13 4.74 11.36
CA VAL B 189 6.68 5.71 10.38
C VAL B 189 7.83 6.62 9.90
N THR B 190 8.74 6.93 10.81
CA THR B 190 9.91 7.75 10.48
C THR B 190 11.05 6.91 9.89
N ARG B 191 10.75 5.64 9.58
CA ARG B 191 11.72 4.70 9.02
C ARG B 191 13.02 4.58 9.83
N LYS B 192 12.94 4.80 11.14
CA LYS B 192 14.04 4.51 12.04
C LYS B 192 14.09 3.00 12.30
N ALA B 193 15.17 2.51 12.90
CA ALA B 193 15.26 1.09 13.23
C ALA B 193 14.41 0.83 14.45
N TYR B 194 13.56 -0.20 14.39
CA TYR B 194 12.58 -0.40 15.44
C TYR B 194 12.65 -1.80 16.04
N GLY B 195 11.99 -1.98 17.18
CA GLY B 195 12.00 -3.26 17.86
C GLY B 195 10.60 -3.73 18.21
N PRO B 196 10.50 -4.74 19.08
CA PRO B 196 9.24 -5.37 19.48
C PRO B 196 8.19 -4.40 20.02
N LYS B 197 8.63 -3.26 20.56
CA LYS B 197 7.71 -2.33 21.20
C LYS B 197 6.81 -1.61 20.21
N VAL B 198 6.96 -1.89 18.92
CA VAL B 198 6.07 -1.32 17.93
C VAL B 198 4.72 -2.04 17.98
N ASP B 199 4.75 -3.31 18.36
CA ASP B 199 3.53 -4.09 18.54
C ASP B 199 2.72 -3.53 19.71
N ILE B 200 3.43 -3.10 20.74
CA ILE B 200 2.83 -2.49 21.92
C ILE B 200 2.13 -1.19 21.54
N TRP B 201 2.74 -0.43 20.65
CA TRP B 201 2.13 0.80 20.18
C TRP B 201 0.82 0.50 19.46
N SER B 202 0.91 -0.37 18.45
CA SER B 202 -0.26 -0.76 17.66
C SER B 202 -1.38 -1.27 18.56
N LEU B 203 -1.00 -1.98 19.62
CA LEU B 203 -1.94 -2.48 20.58
C LEU B 203 -2.72 -1.34 21.23
N GLY B 204 -2.00 -0.30 21.64
CA GLY B 204 -2.63 0.89 22.16
C GLY B 204 -3.64 1.44 21.17
N ILE B 205 -3.22 1.53 19.90
CA ILE B 205 -4.09 2.02 18.85
C ILE B 205 -5.37 1.18 18.75
N MET B 206 -5.22 -0.12 18.83
CA MET B 206 -6.34 -1.05 18.75
C MET B 206 -7.27 -0.93 19.97
N ALA B 207 -6.70 -0.62 21.13
CA ALA B 207 -7.52 -0.39 22.32
C ALA B 207 -8.42 0.83 22.13
N ILE B 208 -7.88 1.88 21.54
CA ILE B 208 -8.65 3.08 21.25
C ILE B 208 -9.73 2.77 20.24
N GLU B 209 -9.39 1.98 19.23
CA GLU B 209 -10.37 1.51 18.24
C GLU B 209 -11.51 0.77 18.92
N MET B 210 -11.16 -0.16 19.81
CA MET B 210 -12.15 -0.95 20.51
C MET B 210 -13.13 -0.08 21.29
N ILE B 211 -12.63 1.01 21.89
CA ILE B 211 -13.48 1.82 22.75
C ILE B 211 -14.20 2.92 21.97
N GLU B 212 -13.65 3.32 20.82
CA GLU B 212 -14.24 4.39 20.02
C GLU B 212 -15.04 3.88 18.84
N GLY B 213 -14.88 2.59 18.52
CA GLY B 213 -15.62 1.97 17.44
C GLY B 213 -14.93 2.02 16.09
N GLU B 214 -13.73 2.60 16.06
CA GLU B 214 -12.99 2.75 14.80
C GLU B 214 -11.53 3.15 15.03
N PRO B 215 -10.64 2.72 14.13
CA PRO B 215 -9.22 3.05 14.20
C PRO B 215 -8.98 4.56 14.16
N PRO B 216 -8.07 5.07 14.99
CA PRO B 216 -7.65 6.47 14.95
C PRO B 216 -7.04 6.81 13.59
N TYR B 217 -6.94 8.09 13.26
CA TYR B 217 -6.28 8.54 12.04
C TYR B 217 -6.89 8.03 10.74
N LEU B 218 -7.76 7.02 10.85
CA LEU B 218 -8.23 6.25 9.71
C LEU B 218 -8.83 7.10 8.59
N ASN B 219 -9.45 8.21 8.96
CA ASN B 219 -10.14 9.04 7.98
C ASN B 219 -9.37 10.33 7.66
N GLU B 220 -8.08 10.33 7.95
CA GLU B 220 -7.18 11.39 7.49
C GLU B 220 -6.54 10.93 6.19
N ASN B 221 -5.88 11.84 5.49
CA ASN B 221 -5.02 11.43 4.38
C ASN B 221 -3.82 10.69 4.95
N PRO B 222 -3.40 9.62 4.28
CA PRO B 222 -2.24 8.82 4.67
C PRO B 222 -1.04 9.67 5.09
N LEU B 223 -0.78 10.74 4.33
CA LEU B 223 0.38 11.59 4.60
C LEU B 223 0.21 12.45 5.83
N ARG B 224 -0.99 13.00 6.03
CA ARG B 224 -1.28 13.78 7.24
C ARG B 224 -1.17 12.89 8.47
N ALA B 225 -1.68 11.67 8.37
CA ALA B 225 -1.61 10.72 9.48
C ALA B 225 -0.15 10.38 9.77
N LEU B 226 0.60 10.15 8.70
CA LEU B 226 2.06 9.98 8.79
C LEU B 226 2.68 11.10 9.61
N TYR B 227 2.36 12.33 9.23
CA TYR B 227 2.86 13.49 9.94
C TYR B 227 2.37 13.50 11.38
N LEU B 228 1.09 13.22 11.57
CA LEU B 228 0.50 13.24 12.90
C LEU B 228 1.08 12.17 13.82
N ILE B 229 1.14 10.92 13.34
CA ILE B 229 1.75 9.85 14.12
C ILE B 229 3.19 10.18 14.48
N ALA B 230 3.89 10.84 13.57
CA ALA B 230 5.27 11.24 13.78
C ALA B 230 5.39 12.33 14.85
N THR B 231 4.60 13.39 14.70
CA THR B 231 4.77 14.59 15.52
C THR B 231 4.01 14.53 16.83
N ASN B 232 2.74 14.15 16.78
CA ASN B 232 1.90 14.11 17.98
C ASN B 232 1.83 12.71 18.59
N GLY B 233 2.12 11.70 17.77
CA GLY B 233 2.06 10.32 18.22
C GLY B 233 0.66 9.75 18.13
N THR B 234 -0.06 9.80 19.24
CA THR B 234 -1.43 9.34 19.29
C THR B 234 -2.37 10.54 19.18
N PRO B 235 -3.52 10.37 18.49
CA PRO B 235 -4.43 11.52 18.47
C PRO B 235 -5.10 11.66 19.81
N GLU B 236 -5.48 12.87 20.18
CA GLU B 236 -6.20 13.05 21.42
C GLU B 236 -7.53 12.31 21.30
N LEU B 237 -7.89 11.56 22.34
CA LEU B 237 -9.11 10.77 22.36
C LEU B 237 -10.31 11.65 22.02
N GLN B 238 -11.26 11.09 21.27
CA GLN B 238 -12.47 11.81 20.92
C GLN B 238 -13.22 12.24 22.18
N ASN B 239 -13.41 11.30 23.10
CA ASN B 239 -14.07 11.59 24.36
C ASN B 239 -13.33 10.96 25.55
N PRO B 240 -12.26 11.61 26.02
CA PRO B 240 -11.42 11.12 27.11
C PRO B 240 -12.19 10.86 28.41
N GLU B 241 -13.26 11.61 28.62
CA GLU B 241 -14.03 11.51 29.85
C GLU B 241 -14.75 10.16 29.94
N LYS B 242 -15.03 9.55 28.78
CA LYS B 242 -15.66 8.24 28.73
C LYS B 242 -14.79 7.14 29.31
N LEU B 243 -13.48 7.33 29.29
CA LEU B 243 -12.55 6.29 29.71
C LEU B 243 -12.22 6.39 31.19
N SER B 244 -12.03 5.24 31.84
CA SER B 244 -11.63 5.24 33.23
C SER B 244 -10.18 5.67 33.34
N ALA B 245 -9.81 6.19 34.51
CA ALA B 245 -8.47 6.68 34.75
C ALA B 245 -7.45 5.59 34.48
N ILE B 246 -7.74 4.38 34.93
CA ILE B 246 -6.77 3.30 34.80
C ILE B 246 -6.65 2.83 33.34
N PHE B 247 -7.76 2.81 32.60
CA PHE B 247 -7.71 2.51 31.18
C PHE B 247 -6.87 3.56 30.47
N ARG B 248 -7.07 4.83 30.83
CA ARG B 248 -6.30 5.91 30.24
C ARG B 248 -4.82 5.76 30.53
N ASP B 249 -4.50 5.27 31.73
CA ASP B 249 -3.11 5.05 32.10
C ASP B 249 -2.48 3.97 31.22
N PHE B 250 -3.19 2.85 31.11
CA PHE B 250 -2.79 1.75 30.24
C PHE B 250 -2.48 2.26 28.84
N LEU B 251 -3.35 3.11 28.32
CA LEU B 251 -3.16 3.69 27.01
C LEU B 251 -1.90 4.54 26.95
N ASN B 252 -1.68 5.34 27.98
CA ASN B 252 -0.48 6.17 28.07
C ASN B 252 0.80 5.34 28.04
N ARG B 253 0.76 4.18 28.67
CA ARG B 253 1.93 3.29 28.70
C ARG B 253 2.17 2.61 27.36
N CYS B 254 1.10 2.39 26.59
CA CYS B 254 1.21 1.77 25.28
C CYS B 254 1.66 2.77 24.22
N LEU B 255 1.17 4.01 24.32
CA LEU B 255 1.37 4.99 23.28
C LEU B 255 2.38 6.06 23.68
N GLU B 256 3.37 5.64 24.46
CA GLU B 256 4.51 6.47 24.79
C GLU B 256 5.41 6.62 23.57
N MET B 257 5.57 7.84 23.07
CA MET B 257 6.38 8.07 21.88
C MET B 257 7.85 7.73 22.13
N ASP B 258 8.25 7.83 23.39
CA ASP B 258 9.59 7.46 23.80
C ASP B 258 9.70 5.94 23.95
N VAL B 259 10.31 5.30 22.96
CA VAL B 259 10.45 3.84 22.92
C VAL B 259 10.91 3.22 24.24
N GLU B 260 11.97 3.78 24.82
CA GLU B 260 12.49 3.28 26.09
C GLU B 260 11.48 3.44 27.21
N LYS B 261 10.78 4.56 27.19
CA LYS B 261 9.79 4.88 28.20
C LYS B 261 8.55 4.01 28.01
N ARG B 262 8.28 3.63 26.77
CA ARG B 262 7.14 2.80 26.43
C ARG B 262 7.22 1.43 27.12
N GLY B 263 6.07 0.83 27.39
CA GLY B 263 6.03 -0.45 28.08
C GLY B 263 6.32 -1.65 27.20
N SER B 264 6.91 -2.68 27.79
CA SER B 264 7.11 -3.95 27.12
C SER B 264 5.91 -4.87 27.35
N ALA B 265 5.89 -6.01 26.69
CA ALA B 265 4.78 -6.94 26.85
C ALA B 265 4.81 -7.54 28.24
N LYS B 266 6.00 -7.91 28.71
CA LYS B 266 6.13 -8.51 30.03
C LYS B 266 5.65 -7.56 31.11
N GLU B 267 5.97 -6.28 30.95
CA GLU B 267 5.61 -5.26 31.94
C GLU B 267 4.09 -5.01 31.96
N LEU B 268 3.53 -4.79 30.78
CA LEU B 268 2.12 -4.42 30.65
C LEU B 268 1.18 -5.52 31.10
N LEU B 269 1.66 -6.77 31.11
CA LEU B 269 0.84 -7.86 31.60
C LEU B 269 0.57 -7.72 33.10
N GLN B 270 1.37 -6.89 33.75
CA GLN B 270 1.24 -6.65 35.18
C GLN B 270 0.42 -5.39 35.46
N HIS B 271 -0.05 -4.74 34.41
CA HIS B 271 -0.78 -3.49 34.56
C HIS B 271 -2.16 -3.73 35.17
N GLN B 272 -2.59 -2.79 36.00
CA GLN B 272 -3.83 -2.91 36.77
C GLN B 272 -5.05 -3.01 35.87
N PHE B 273 -5.01 -2.33 34.74
CA PHE B 273 -6.14 -2.29 33.83
C PHE B 273 -6.61 -3.69 33.44
N LEU B 274 -5.67 -4.62 33.23
CA LEU B 274 -6.02 -5.97 32.83
C LEU B 274 -6.70 -6.71 33.97
N LYS B 275 -6.52 -6.21 35.18
CA LYS B 275 -7.08 -6.90 36.33
C LYS B 275 -8.60 -6.67 36.44
N ILE B 276 -9.15 -5.85 35.56
CA ILE B 276 -10.61 -5.74 35.45
C ILE B 276 -11.16 -6.56 34.28
N ALA B 277 -10.32 -7.39 33.68
CA ALA B 277 -10.74 -8.21 32.55
C ALA B 277 -11.82 -9.23 32.93
N LYS B 278 -12.93 -9.18 32.20
CA LYS B 278 -13.98 -10.17 32.36
C LYS B 278 -13.48 -11.51 31.84
N PRO B 279 -14.18 -12.61 32.18
CA PRO B 279 -13.86 -13.90 31.56
C PRO B 279 -14.07 -13.82 30.05
N LEU B 280 -13.39 -14.67 29.29
CA LEU B 280 -13.45 -14.59 27.84
C LEU B 280 -14.85 -14.93 27.30
N SER B 281 -15.66 -15.59 28.13
CA SER B 281 -17.01 -15.95 27.72
C SER B 281 -17.86 -14.70 27.50
N SER B 282 -17.40 -13.57 28.05
CA SER B 282 -18.09 -12.29 27.91
C SER B 282 -17.94 -11.73 26.50
N LEU B 283 -17.07 -12.33 25.70
CA LEU B 283 -16.88 -11.90 24.32
C LEU B 283 -17.88 -12.62 23.39
N THR B 284 -18.38 -13.76 23.83
CA THR B 284 -19.26 -14.56 22.99
C THR B 284 -20.56 -13.83 22.57
N PRO B 285 -21.19 -13.09 23.50
CA PRO B 285 -22.33 -12.32 23.00
C PRO B 285 -21.94 -11.28 21.95
N LEU B 286 -20.71 -10.77 22.03
CA LEU B 286 -20.20 -9.80 21.05
C LEU B 286 -20.07 -10.46 19.69
N ILE B 287 -19.71 -11.72 19.69
CA ILE B 287 -19.59 -12.49 18.46
C ILE B 287 -20.97 -12.71 17.85
N ALA B 288 -21.92 -13.09 18.69
CA ALA B 288 -23.32 -13.23 18.26
C ALA B 288 -23.83 -11.96 17.60
N ALA B 289 -23.66 -10.83 18.27
CA ALA B 289 -24.11 -9.55 17.75
C ALA B 289 -23.41 -9.22 16.43
N ALA B 290 -22.10 -9.42 16.38
CA ALA B 290 -21.34 -9.19 15.17
C ALA B 290 -21.90 -10.01 14.00
N LYS B 291 -22.22 -11.28 14.26
CA LYS B 291 -22.68 -12.14 13.19
C LYS B 291 -24.14 -11.92 12.88
N GLU B 292 -24.90 -11.37 13.83
CA GLU B 292 -26.28 -11.01 13.54
C GLU B 292 -26.28 -9.82 12.57
N ALA B 293 -25.43 -8.84 12.83
CA ALA B 293 -25.29 -7.71 11.93
C ALA B 293 -24.59 -8.14 10.63
N THR B 294 -24.18 -9.41 10.59
CA THR B 294 -23.40 -9.99 9.49
C THR B 294 -22.14 -9.19 9.23
C4 4T3 C . 6.55 -1.44 -18.84
C5 4T3 C . 7.33 -1.61 -17.69
C7 4T3 C . 5.69 -0.53 -16.46
C13 4T3 C . 1.05 -0.03 -19.06
C17 4T3 C . -0.17 0.02 -18.17
C21 4T3 C . 3.99 0.72 -15.18
C22 4T3 C . 4.24 1.96 -14.32
C24 4T3 C . 6.10 0.77 -13.13
C1 4T3 C . 8.53 -2.28 -17.97
C2 4T3 C . 8.73 -2.64 -19.22
S3 4T3 C . 7.39 -2.14 -20.22
N6 4T3 C . 6.86 -1.14 -16.52
N8 4T3 C . 4.93 -0.34 -17.54
C9 4T3 C . 5.31 -0.78 -18.74
N10 4T3 C . 4.52 -0.60 -19.86
C11 4T3 C . 3.14 -0.30 -19.80
C12 4T3 C . 2.29 -0.39 -18.69
N14 4T3 C . 1.09 0.27 -20.39
N16 4T3 C . 2.41 0.10 -20.82
C18 4T3 C . 0.08 0.02 -16.67
C19 4T3 C . -0.42 1.28 -17.36
N20 4T3 C . 5.23 -0.05 -15.24
C23 4T3 C . 4.79 1.53 -12.96
C25 4T3 C . 5.87 -0.47 -13.99
N26 4T3 C . 5.00 2.73 -12.14
S SO4 D . -9.22 15.15 -2.45
O1 SO4 D . -10.46 15.59 -1.82
O2 SO4 D . -8.34 14.58 -1.43
O3 SO4 D . -8.60 16.29 -3.10
O4 SO4 D . -9.54 14.12 -3.45
C4 4T3 E . -12.55 -16.18 10.02
C5 4T3 E . -12.86 -14.95 9.43
C7 4T3 E . -10.60 -14.61 9.07
C13 4T3 E . -7.53 -19.00 10.30
C17 4T3 E . -6.16 -19.14 9.70
C21 4T3 E . -8.20 -14.35 8.67
C22 4T3 E . -7.29 -13.22 9.10
C24 4T3 E . -8.86 -11.54 8.12
C1 4T3 E . -14.24 -14.71 9.43
C2 4T3 E . -14.99 -15.65 9.97
S3 4T3 E . -14.01 -16.98 10.56
N6 4T3 E . -11.84 -14.19 8.96
N8 4T3 E . -10.27 -15.77 9.63
C9 4T3 E . -11.20 -16.58 10.12
N10 4T3 E . -10.91 -17.80 10.72
C11 4T3 E . -9.63 -18.39 10.76
C12 4T3 E . -8.54 -18.21 9.89
N14 4T3 E . -7.96 -19.67 11.40
N16 4T3 E . -9.27 -19.27 11.65
C18 4T3 E . -5.91 -18.55 8.31
C19 4T3 E . -5.30 -17.89 9.55
N20 4T3 E . -9.56 -13.82 8.60
C23 4T3 E . -7.42 -12.06 8.11
C25 4T3 E . -9.81 -12.68 7.73
N26 4T3 E . -6.49 -10.99 8.48
S DMS F . 0.06 -17.36 11.19
O DMS F . 0.00 -16.05 10.47
C1 DMS F . 1.73 -17.61 11.85
C2 DMS F . -0.83 -17.25 12.75
#